data_6D1Q
#
_entry.id   6D1Q
#
_cell.length_a   161.440
_cell.length_b   192.320
_cell.length_c   50.719
_cell.angle_alpha   90.00
_cell.angle_beta   90.00
_cell.angle_gamma   90.00
#
_symmetry.space_group_name_H-M   'C 2 2 21'
#
loop_
_entity.id
_entity.type
_entity.pdbx_description
1 polymer 'Diaminopimelate epimerase'
2 polymer 'RNA pyrophosphohydrolase'
3 non-polymer 'CHLORIDE ION'
4 non-polymer GLYCEROL
5 water water
#
loop_
_entity_poly.entity_id
_entity_poly.type
_entity_poly.pdbx_seq_one_letter_code
_entity_poly.pdbx_strand_id
1 'polypeptide(L)'
;SMQFSKMHGLGNDFMVVDAVTQNVFFSPELIRRLADRHLGVGFDQLLVVEPPYDPELDFHYRIFNADGSEVAQCGNGARC
FARFVRLKGLTNKRDIRVSTANGRMVLTVTDDDLVRVNMGEPNFEPSAVPFRANKAEKTYIMRAAEQTILCGVVSMGNPH
CVIQVDDVDTAAVETLGPVLESHERFPERANIGFMQVVKREHIRLRVYERGAGETQACGSGACAAVAVGIQQGLLAEEVR
VELPGGRLDIAWKGPGHPLYMTGPAVHVYDGFIHL
;
A
2 'polypeptide(L)'
;SMIDDDGYRPNVGIVICNRQGQVMWARRFGQHSWQFPQGGINPGESAEQAMYRELFEEVGLSRKDVRILASTRNWLRYKL
PKRLVRWDTKPVCIGQKQKWFLLQLVSGDAEINMQTSSTPEFDGWRWVSYWYPVRQVVSFKRDVYRRVMKEFASVVMSLQ
;
B
#
loop_
_chem_comp.id
_chem_comp.type
_chem_comp.name
_chem_comp.formula
CL non-polymer 'CHLORIDE ION' 'Cl -1'
GOL non-polymer GLYCEROL 'C3 H8 O3'
#
# COMPACT_ATOMS: atom_id res chain seq x y z
N SER A 1 12.80 20.06 1.96
CA SER A 1 12.40 19.60 0.63
C SER A 1 11.61 18.29 0.70
N MET A 2 10.38 18.26 0.20
CA MET A 2 9.65 17.00 0.07
C MET A 2 10.26 16.17 -1.06
N GLN A 3 10.71 14.96 -0.74
CA GLN A 3 11.18 14.01 -1.72
C GLN A 3 10.00 13.33 -2.42
N PHE A 4 10.19 13.03 -3.71
CA PHE A 4 9.18 12.30 -4.46
C PHE A 4 9.88 11.50 -5.55
N SER A 5 9.14 10.59 -6.18
CA SER A 5 9.60 9.85 -7.33
C SER A 5 8.58 10.00 -8.45
N LYS A 6 9.03 9.76 -9.66
CA LYS A 6 8.14 9.60 -10.80
C LYS A 6 8.28 8.17 -11.26
N MET A 7 7.15 7.53 -11.48
CA MET A 7 7.10 6.14 -11.88
C MET A 7 6.07 6.00 -12.98
N HIS A 8 6.21 4.96 -13.78
CA HIS A 8 5.30 4.70 -14.86
C HIS A 8 4.79 3.29 -14.70
N GLY A 9 3.49 3.12 -14.70
CA GLY A 9 2.91 1.79 -14.62
C GLY A 9 1.54 1.74 -15.28
N LEU A 10 1.22 0.63 -15.94
CA LEU A 10 -0.04 0.50 -16.68
C LEU A 10 -0.23 1.69 -17.63
N GLY A 11 0.87 2.13 -18.25
CA GLY A 11 0.78 3.26 -19.14
C GLY A 11 0.36 4.58 -18.51
N ASN A 12 0.55 4.77 -17.21
CA ASN A 12 0.25 6.03 -16.57
C ASN A 12 1.47 6.57 -15.83
N ASP A 13 1.51 7.89 -15.71
CA ASP A 13 2.60 8.60 -15.04
C ASP A 13 2.19 9.01 -13.62
N PHE A 14 2.90 8.47 -12.64
CA PHE A 14 2.63 8.70 -11.23
C PHE A 14 3.73 9.55 -10.62
N MET A 15 3.33 10.60 -9.93
CA MET A 15 4.17 11.15 -8.89
C MET A 15 3.90 10.34 -7.63
N VAL A 16 4.96 9.82 -6.99
CA VAL A 16 4.84 8.92 -5.86
C VAL A 16 5.55 9.53 -4.67
N VAL A 17 4.86 9.65 -3.55
CA VAL A 17 5.42 10.31 -2.37
C VAL A 17 5.40 9.35 -1.17
N ASP A 18 6.53 9.27 -0.49
CA ASP A 18 6.65 8.60 0.81
C ASP A 18 6.11 9.55 1.89
N ALA A 19 4.85 9.39 2.29
CA ALA A 19 4.32 10.11 3.44
C ALA A 19 4.26 9.22 4.69
N VAL A 20 5.22 8.32 4.83
CA VAL A 20 5.41 7.44 5.99
C VAL A 20 6.51 8.08 6.83
N THR A 21 7.68 8.30 6.21
CA THR A 21 8.81 8.99 6.84
C THR A 21 8.81 10.49 6.64
N GLN A 22 7.91 11.04 5.82
CA GLN A 22 7.79 12.47 5.64
C GLN A 22 6.47 12.94 6.22
N ASN A 23 6.47 14.11 6.85
CA ASN A 23 5.24 14.71 7.36
C ASN A 23 4.71 15.67 6.30
N VAL A 24 3.64 15.29 5.59
CA VAL A 24 3.05 16.20 4.62
C VAL A 24 1.55 15.96 4.55
N PHE A 25 0.77 17.03 4.36
CA PHE A 25 -0.67 16.95 4.28
C PHE A 25 -1.12 17.35 2.89
N PHE A 26 -1.81 16.45 2.20
CA PHE A 26 -2.18 16.68 0.82
C PHE A 26 -3.61 17.20 0.78
N SER A 27 -3.72 18.50 0.98
CA SER A 27 -4.95 19.21 0.73
C SER A 27 -5.19 19.32 -0.77
N PRO A 28 -6.44 19.50 -1.20
CA PRO A 28 -6.68 19.64 -2.64
C PRO A 28 -5.92 20.82 -3.26
N GLU A 29 -5.68 21.88 -2.50
CA GLU A 29 -4.90 23.00 -3.03
C GLU A 29 -3.45 22.61 -3.22
N LEU A 30 -2.83 22.00 -2.21
CA LEU A 30 -1.47 21.51 -2.40
C LEU A 30 -1.41 20.58 -3.60
N ILE A 31 -2.37 19.67 -3.71
CA ILE A 31 -2.34 18.67 -4.78
C ILE A 31 -2.41 19.36 -6.14
N ARG A 32 -3.29 20.36 -6.27
CA ARG A 32 -3.39 21.05 -7.56
C ARG A 32 -2.13 21.84 -7.86
N ARG A 33 -1.49 22.35 -6.81
CA ARG A 33 -0.24 23.09 -6.98
C ARG A 33 0.81 22.13 -7.52
N LEU A 34 0.89 20.95 -6.91
CA LEU A 34 1.83 19.92 -7.34
C LEU A 34 1.55 19.44 -8.76
N ALA A 35 0.27 19.37 -9.14
CA ALA A 35 -0.08 18.89 -10.48
C ALA A 35 0.36 19.86 -11.58
N ASP A 36 0.62 21.12 -11.24
CA ASP A 36 0.97 22.16 -12.20
C ASP A 36 2.41 21.98 -12.66
N ARG A 37 2.62 21.84 -13.98
CA ARG A 37 3.94 21.40 -14.47
C ARG A 37 4.99 22.50 -14.38
N HIS A 38 4.59 23.76 -14.26
CA HIS A 38 5.53 24.86 -14.10
C HIS A 38 5.66 25.30 -12.67
N LEU A 39 4.56 25.31 -11.90
CA LEU A 39 4.64 25.67 -10.48
C LEU A 39 5.06 24.49 -9.60
N GLY A 40 4.76 23.28 -10.01
CA GLY A 40 4.96 22.15 -9.13
C GLY A 40 5.72 21.07 -9.84
N VAL A 41 5.10 19.90 -9.98
CA VAL A 41 5.76 18.73 -10.53
C VAL A 41 5.11 18.28 -11.83
N GLY A 42 3.79 18.25 -11.87
CA GLY A 42 3.10 17.73 -13.03
C GLY A 42 2.96 16.23 -12.99
N PHE A 43 1.72 15.73 -13.13
CA PHE A 43 1.49 14.29 -13.11
C PHE A 43 0.12 13.98 -13.66
N ASP A 44 0.00 12.78 -14.22
CA ASP A 44 -1.30 12.14 -14.40
C ASP A 44 -1.95 11.90 -13.05
N GLN A 45 -1.27 11.13 -12.19
CA GLN A 45 -1.85 10.87 -10.88
C GLN A 45 -0.78 10.97 -9.80
N LEU A 46 -1.24 11.27 -8.58
CA LEU A 46 -0.40 11.34 -7.41
C LEU A 46 -0.72 10.16 -6.50
N LEU A 47 0.28 9.33 -6.24
CA LEU A 47 0.21 8.20 -5.32
C LEU A 47 0.94 8.56 -4.03
N VAL A 48 0.20 8.53 -2.91
CA VAL A 48 0.73 8.88 -1.60
C VAL A 48 0.75 7.63 -0.72
N VAL A 49 1.93 7.26 -0.24
CA VAL A 49 2.10 6.08 0.60
C VAL A 49 2.07 6.55 2.04
N GLU A 50 1.18 5.98 2.83
CA GLU A 50 0.90 6.37 4.21
C GLU A 50 1.06 5.17 5.11
N PRO A 51 1.24 5.38 6.42
CA PRO A 51 1.22 4.25 7.36
C PRO A 51 -0.14 3.58 7.35
N PRO A 52 -0.21 2.30 7.70
CA PRO A 52 -1.50 1.62 7.63
C PRO A 52 -2.45 2.11 8.72
N TYR A 53 -3.75 1.87 8.51
CA TYR A 53 -4.79 2.12 9.49
C TYR A 53 -5.07 0.89 10.33
N ASP A 54 -4.64 -0.27 9.86
CA ASP A 54 -4.93 -1.55 10.45
C ASP A 54 -3.62 -2.22 10.84
N PRO A 55 -3.46 -2.67 12.08
CA PRO A 55 -2.15 -3.18 12.52
C PRO A 55 -1.71 -4.42 11.79
N GLU A 56 -2.61 -5.12 11.11
CA GLU A 56 -2.20 -6.27 10.29
C GLU A 56 -1.89 -5.93 8.83
N LEU A 57 -1.95 -4.66 8.44
CA LEU A 57 -1.55 -4.27 7.09
C LEU A 57 -0.22 -3.52 7.17
N ASP A 58 0.51 -3.55 6.05
CA ASP A 58 1.81 -2.87 5.98
C ASP A 58 1.70 -1.39 5.66
N PHE A 59 0.78 -1.00 4.77
CA PHE A 59 0.69 0.38 4.35
C PHE A 59 -0.76 0.70 4.01
N HIS A 60 -1.03 1.99 3.84
CA HIS A 60 -2.19 2.48 3.11
C HIS A 60 -1.69 3.33 1.97
N TYR A 61 -2.37 3.33 0.82
CA TYR A 61 -1.99 4.38 -0.12
C TYR A 61 -3.22 4.98 -0.76
N ARG A 62 -3.09 6.25 -1.14
CA ARG A 62 -4.14 6.99 -1.82
C ARG A 62 -3.68 7.48 -3.18
N ILE A 63 -4.62 7.61 -4.11
CA ILE A 63 -4.39 8.20 -5.43
C ILE A 63 -5.24 9.47 -5.54
N PHE A 64 -4.64 10.55 -6.01
CA PHE A 64 -5.32 11.80 -6.24
C PHE A 64 -5.13 12.18 -7.71
N ASN A 65 -6.15 12.79 -8.31
CA ASN A 65 -6.00 13.30 -9.66
C ASN A 65 -5.58 14.77 -9.63
N ALA A 66 -5.38 15.36 -10.80
CA ALA A 66 -4.83 16.71 -10.89
C ALA A 66 -5.78 17.76 -10.37
N ASP A 67 -7.07 17.46 -10.30
CA ASP A 67 -8.06 18.34 -9.71
C ASP A 67 -8.01 18.35 -8.20
N GLY A 68 -7.22 17.47 -7.59
CA GLY A 68 -7.12 17.40 -6.15
C GLY A 68 -8.14 16.52 -5.48
N SER A 69 -8.86 15.70 -6.25
CA SER A 69 -9.80 14.74 -5.68
C SER A 69 -9.14 13.38 -5.56
N GLU A 70 -9.57 12.64 -4.54
CA GLU A 70 -9.11 11.27 -4.37
C GLU A 70 -9.82 10.35 -5.37
N VAL A 71 -9.05 9.50 -6.03
CA VAL A 71 -9.57 8.53 -6.98
C VAL A 71 -9.65 7.17 -6.30
N ALA A 72 -10.73 6.46 -6.55
CA ALA A 72 -10.95 5.13 -6.01
C ALA A 72 -11.25 4.18 -7.18
N GLN A 73 -10.22 3.86 -7.98
CA GLN A 73 -10.30 2.82 -8.99
C GLN A 73 -9.53 1.61 -8.50
N CYS A 74 -10.19 0.45 -8.52
CA CYS A 74 -9.64 -0.76 -7.90
C CYS A 74 -8.33 -1.17 -8.56
N GLY A 75 -7.30 -1.41 -7.73
CA GLY A 75 -5.98 -1.79 -8.20
C GLY A 75 -5.16 -0.69 -8.83
N ASN A 76 -5.66 0.53 -8.84
CA ASN A 76 -4.96 1.61 -9.51
C ASN A 76 -3.64 1.87 -8.82
N GLY A 77 -2.56 1.93 -9.59
CA GLY A 77 -1.23 2.24 -9.05
C GLY A 77 -0.58 1.17 -8.19
N ALA A 78 -1.16 -0.02 -8.09
CA ALA A 78 -0.66 -1.05 -7.17
C ALA A 78 0.77 -1.47 -7.52
N ARG A 79 1.11 -1.49 -8.81
CA ARG A 79 2.43 -1.95 -9.22
C ARG A 79 3.51 -0.97 -8.80
N CYS A 80 3.28 0.33 -9.10
CA CYS A 80 4.20 1.37 -8.68
C CYS A 80 4.32 1.45 -7.17
N PHE A 81 3.19 1.28 -6.46
CA PHE A 81 3.24 1.35 -5.00
C PHE A 81 4.16 0.27 -4.45
N ALA A 82 3.96 -0.98 -4.89
CA ALA A 82 4.73 -2.09 -4.35
C ALA A 82 6.22 -1.93 -4.64
N ARG A 83 6.55 -1.64 -5.90
CA ARG A 83 7.95 -1.43 -6.22
C ARG A 83 8.52 -0.26 -5.45
N PHE A 84 7.70 0.77 -5.24
CA PHE A 84 8.20 1.96 -4.59
C PHE A 84 8.54 1.69 -3.13
N VAL A 85 7.67 1.00 -2.41
CA VAL A 85 8.00 0.82 -1.01
C VAL A 85 9.22 -0.06 -0.89
N ARG A 86 9.46 -0.95 -1.87
CA ARG A 86 10.69 -1.73 -1.81
C ARG A 86 11.92 -0.89 -2.16
N LEU A 87 11.84 -0.10 -3.24
CA LEU A 87 12.97 0.73 -3.64
C LEU A 87 13.40 1.67 -2.53
N LYS A 88 12.44 2.21 -1.79
CA LYS A 88 12.76 3.20 -0.76
C LYS A 88 13.12 2.55 0.57
N GLY A 89 13.16 1.23 0.64
CA GLY A 89 13.46 0.59 1.90
C GLY A 89 12.40 0.80 2.96
N LEU A 90 11.15 1.07 2.57
CA LEU A 90 10.08 1.08 3.57
C LEU A 90 9.68 -0.33 3.96
N THR A 91 9.99 -1.32 3.11
CA THR A 91 9.76 -2.70 3.44
C THR A 91 10.72 -3.56 2.65
N ASN A 92 10.82 -4.82 3.08
CA ASN A 92 11.65 -5.83 2.44
C ASN A 92 10.78 -7.03 2.08
N LYS A 93 9.50 -6.98 2.46
CA LYS A 93 8.60 -8.07 2.17
C LYS A 93 8.41 -8.20 0.67
N ARG A 94 8.11 -9.42 0.23
CA ARG A 94 7.71 -9.69 -1.13
C ARG A 94 6.20 -9.79 -1.25
N ASP A 95 5.52 -10.11 -0.18
CA ASP A 95 4.06 -10.09 -0.13
C ASP A 95 3.65 -8.94 0.79
N ILE A 96 3.19 -7.86 0.19
CA ILE A 96 2.88 -6.60 0.87
C ILE A 96 1.36 -6.49 1.01
N ARG A 97 0.90 -6.26 2.22
CA ARG A 97 -0.52 -6.10 2.49
C ARG A 97 -0.84 -4.62 2.62
N VAL A 98 -1.86 -4.17 1.90
CA VAL A 98 -2.06 -2.72 1.76
C VAL A 98 -3.54 -2.43 1.65
N SER A 99 -3.97 -1.32 2.24
CA SER A 99 -5.33 -0.87 2.07
C SER A 99 -5.34 0.34 1.14
N THR A 100 -6.45 0.50 0.44
CA THR A 100 -6.69 1.53 -0.56
C THR A 100 -8.13 2.02 -0.38
N ALA A 101 -8.51 3.03 -1.16
CA ALA A 101 -9.89 3.52 -1.10
C ALA A 101 -10.90 2.45 -1.48
N ASN A 102 -10.46 1.40 -2.17
CA ASN A 102 -11.32 0.31 -2.61
C ASN A 102 -11.21 -0.97 -1.76
N GLY A 103 -10.42 -0.97 -0.67
CA GLY A 103 -10.37 -2.21 0.09
C GLY A 103 -8.93 -2.66 0.25
N ARG A 104 -8.75 -3.93 0.58
CA ARG A 104 -7.43 -4.46 0.90
C ARG A 104 -6.91 -5.34 -0.24
N MET A 105 -5.60 -5.29 -0.45
CA MET A 105 -4.93 -6.14 -1.42
C MET A 105 -3.68 -6.76 -0.82
N VAL A 106 -3.28 -7.90 -1.37
CA VAL A 106 -1.95 -8.45 -1.16
C VAL A 106 -1.22 -8.39 -2.50
N LEU A 107 -0.11 -7.68 -2.55
CA LEU A 107 0.69 -7.56 -3.76
C LEU A 107 1.95 -8.37 -3.61
N THR A 108 2.33 -9.13 -4.64
CA THR A 108 3.55 -9.91 -4.58
C THR A 108 4.57 -9.34 -5.56
N VAL A 109 5.78 -9.06 -5.07
CA VAL A 109 6.86 -8.64 -5.93
C VAL A 109 7.61 -9.90 -6.36
N THR A 110 7.60 -10.18 -7.66
CA THR A 110 8.31 -11.35 -8.17
C THR A 110 9.82 -11.10 -8.14
N ASP A 111 10.57 -12.19 -8.28
CA ASP A 111 12.03 -12.07 -8.31
C ASP A 111 12.50 -11.30 -9.53
N ASP A 112 11.69 -11.24 -10.59
CA ASP A 112 11.95 -10.36 -11.72
C ASP A 112 11.56 -8.92 -11.45
N ASP A 113 11.11 -8.61 -10.23
CA ASP A 113 10.65 -7.27 -9.86
C ASP A 113 9.47 -6.81 -10.71
N LEU A 114 8.59 -7.74 -11.03
CA LEU A 114 7.26 -7.41 -11.47
C LEU A 114 6.32 -7.56 -10.28
N VAL A 115 5.10 -7.03 -10.41
CA VAL A 115 4.14 -7.04 -9.33
C VAL A 115 2.93 -7.82 -9.77
N ARG A 116 2.57 -8.83 -8.97
CA ARG A 116 1.44 -9.70 -9.22
C ARG A 116 0.31 -9.36 -8.25
N VAL A 117 -0.90 -9.34 -8.80
CA VAL A 117 -2.11 -8.86 -8.17
C VAL A 117 -3.17 -9.95 -8.31
N ASN A 118 -3.80 -10.32 -7.21
CA ASN A 118 -5.00 -11.16 -7.25
C ASN A 118 -6.19 -10.32 -7.72
N MET A 119 -6.78 -10.71 -8.85
CA MET A 119 -7.90 -9.98 -9.41
C MET A 119 -9.25 -10.61 -9.08
N GLY A 120 -9.29 -11.71 -8.34
CA GLY A 120 -10.53 -12.39 -8.07
C GLY A 120 -10.83 -13.50 -9.08
N GLU A 121 -11.95 -14.17 -8.85
CA GLU A 121 -12.28 -15.21 -9.82
C GLU A 121 -13.25 -14.66 -10.85
N PRO A 122 -12.96 -14.83 -12.14
CA PRO A 122 -13.90 -14.38 -13.18
C PRO A 122 -15.28 -15.00 -13.02
N ASN A 123 -16.29 -14.30 -13.53
CA ASN A 123 -17.68 -14.76 -13.44
C ASN A 123 -18.29 -14.68 -14.83
N PHE A 124 -18.82 -15.81 -15.32
CA PHE A 124 -19.44 -15.89 -16.64
C PHE A 124 -20.96 -15.95 -16.57
N GLU A 125 -21.54 -15.99 -15.38
CA GLU A 125 -22.99 -15.90 -15.23
C GLU A 125 -23.50 -14.61 -15.84
N PRO A 126 -24.40 -14.68 -16.84
CA PRO A 126 -24.81 -13.45 -17.52
C PRO A 126 -25.53 -12.46 -16.62
N SER A 127 -26.23 -12.93 -15.60
CA SER A 127 -26.84 -12.01 -14.63
C SER A 127 -25.77 -11.16 -13.95
N ALA A 128 -24.58 -11.72 -13.75
CA ALA A 128 -23.52 -11.00 -13.04
C ALA A 128 -22.72 -9.98 -13.85
N VAL A 129 -22.79 -10.14 -15.17
CA VAL A 129 -22.11 -9.27 -16.13
C VAL A 129 -22.51 -7.82 -15.96
N PRO A 130 -23.80 -7.50 -16.17
CA PRO A 130 -25.00 -8.23 -16.55
C PRO A 130 -25.05 -8.34 -18.03
N PHE A 131 -25.55 -9.47 -18.52
CA PHE A 131 -25.66 -9.72 -19.95
C PHE A 131 -26.98 -10.40 -20.30
N ARG A 132 -27.62 -9.91 -21.36
CA ARG A 132 -28.89 -10.44 -21.84
C ARG A 132 -28.64 -11.77 -22.53
N ALA A 133 -28.86 -12.86 -21.79
CA ALA A 133 -28.70 -14.20 -22.34
C ALA A 133 -29.35 -15.18 -21.38
N ASN A 134 -29.85 -16.29 -21.94
CA ASN A 134 -30.62 -17.23 -21.14
C ASN A 134 -29.71 -18.12 -20.30
N LYS A 135 -28.58 -18.54 -20.84
CA LYS A 135 -27.62 -19.31 -20.05
C LYS A 135 -26.22 -19.02 -20.56
N ALA A 136 -25.25 -19.32 -19.71
CA ALA A 136 -23.86 -19.04 -20.04
C ALA A 136 -23.35 -20.03 -21.08
N GLU A 137 -22.82 -19.50 -22.17
CA GLU A 137 -22.09 -20.30 -23.14
C GLU A 137 -20.65 -19.83 -23.19
N LYS A 138 -19.77 -20.74 -23.59
CA LYS A 138 -18.40 -20.32 -23.86
C LYS A 138 -18.35 -19.33 -25.01
N THR A 139 -19.35 -19.32 -25.89
CA THR A 139 -19.38 -18.38 -26.98
C THR A 139 -20.82 -17.94 -27.22
N TYR A 140 -21.00 -16.68 -27.63
CA TYR A 140 -22.32 -16.12 -27.89
C TYR A 140 -22.32 -15.50 -29.28
N ILE A 141 -23.51 -15.47 -29.90
CA ILE A 141 -23.73 -14.75 -31.14
C ILE A 141 -24.38 -13.42 -30.80
N MET A 142 -23.96 -12.37 -31.50
CA MET A 142 -24.58 -11.06 -31.36
C MET A 142 -24.65 -10.41 -32.72
N ARG A 143 -25.79 -9.77 -33.01
CA ARG A 143 -25.92 -8.95 -34.19
C ARG A 143 -25.46 -7.55 -33.85
N ALA A 144 -24.73 -6.92 -34.78
CA ALA A 144 -24.10 -5.62 -34.54
C ALA A 144 -24.11 -4.83 -35.85
N ALA A 145 -25.20 -4.09 -36.07
CA ALA A 145 -25.46 -3.37 -37.33
C ALA A 145 -25.53 -4.42 -38.44
N GLU A 146 -24.82 -4.26 -39.56
CA GLU A 146 -24.89 -5.23 -40.64
C GLU A 146 -24.23 -6.55 -40.28
N GLN A 147 -23.37 -6.56 -39.26
CA GLN A 147 -22.51 -7.69 -38.97
C GLN A 147 -23.14 -8.67 -37.98
N THR A 148 -22.71 -9.91 -38.06
CA THR A 148 -22.92 -10.90 -37.01
C THR A 148 -21.56 -11.22 -36.40
N ILE A 149 -21.51 -11.38 -35.07
CA ILE A 149 -20.24 -11.60 -34.38
C ILE A 149 -20.39 -12.72 -33.36
N LEU A 150 -19.23 -13.30 -33.02
CA LEU A 150 -19.09 -14.29 -31.96
C LEU A 150 -18.25 -13.70 -30.85
N CYS A 151 -18.58 -14.03 -29.61
CA CYS A 151 -17.95 -13.33 -28.51
C CYS A 151 -18.02 -14.20 -27.27
N GLY A 152 -17.11 -13.93 -26.34
CA GLY A 152 -17.23 -14.42 -24.97
C GLY A 152 -17.54 -13.22 -24.08
N VAL A 153 -18.27 -13.43 -22.99
CA VAL A 153 -18.52 -12.36 -22.05
C VAL A 153 -18.18 -12.85 -20.65
N VAL A 154 -17.67 -11.94 -19.83
CA VAL A 154 -17.27 -12.27 -18.46
C VAL A 154 -17.30 -11.00 -17.64
N SER A 155 -17.38 -11.17 -16.32
CA SER A 155 -17.28 -10.07 -15.37
C SER A 155 -16.00 -10.24 -14.57
N MET A 156 -15.16 -9.21 -14.59
CA MET A 156 -14.02 -9.12 -13.68
C MET A 156 -14.30 -8.16 -12.53
N GLY A 157 -15.57 -7.91 -12.22
CA GLY A 157 -15.94 -6.78 -11.41
C GLY A 157 -16.67 -5.78 -12.29
N ASN A 158 -16.21 -5.64 -13.52
CA ASN A 158 -16.92 -4.86 -14.53
C ASN A 158 -17.22 -5.75 -15.74
N PRO A 159 -18.09 -5.33 -16.65
CA PRO A 159 -18.46 -6.19 -17.78
C PRO A 159 -17.45 -6.14 -18.94
N HIS A 160 -17.21 -7.31 -19.52
CA HIS A 160 -16.40 -7.40 -20.72
C HIS A 160 -17.00 -8.35 -21.74
N CYS A 161 -16.86 -7.99 -23.01
CA CYS A 161 -17.20 -8.84 -24.15
C CYS A 161 -15.99 -8.88 -25.09
N VAL A 162 -15.51 -10.08 -25.39
CA VAL A 162 -14.22 -10.30 -26.03
C VAL A 162 -14.44 -11.00 -27.36
N ILE A 163 -13.88 -10.42 -28.42
CA ILE A 163 -13.93 -10.93 -29.79
C ILE A 163 -12.55 -11.40 -30.20
N GLN A 164 -12.48 -12.60 -30.79
CA GLN A 164 -11.27 -13.04 -31.47
C GLN A 164 -11.16 -12.34 -32.82
N VAL A 165 -10.05 -11.65 -33.02
CA VAL A 165 -9.76 -10.93 -34.25
C VAL A 165 -8.55 -11.58 -34.89
N ASP A 166 -8.38 -11.38 -36.20
CA ASP A 166 -7.22 -11.97 -36.85
C ASP A 166 -6.00 -11.05 -36.84
N ASP A 167 -6.19 -9.74 -36.68
CA ASP A 167 -5.07 -8.86 -36.37
C ASP A 167 -5.60 -7.56 -35.80
N VAL A 168 -5.03 -7.12 -34.67
CA VAL A 168 -5.52 -5.95 -33.96
C VAL A 168 -5.28 -4.64 -34.70
N ASP A 169 -4.41 -4.64 -35.70
CA ASP A 169 -4.28 -3.44 -36.53
C ASP A 169 -5.35 -3.40 -37.61
N THR A 170 -5.63 -4.56 -38.23
CA THR A 170 -6.77 -4.69 -39.14
C THR A 170 -8.02 -5.14 -38.40
N ALA A 171 -8.29 -4.42 -37.31
CA ALA A 171 -9.49 -4.58 -36.51
C ALA A 171 -10.23 -3.26 -36.48
N ALA A 172 -11.50 -3.29 -36.83
CA ALA A 172 -12.35 -2.11 -36.82
C ALA A 172 -12.77 -1.83 -35.36
N VAL A 173 -11.77 -1.46 -34.57
CA VAL A 173 -12.02 -0.99 -33.21
C VAL A 173 -12.94 0.22 -33.24
N GLU A 174 -12.64 1.16 -34.14
CA GLU A 174 -13.31 2.45 -34.13
C GLU A 174 -14.79 2.34 -34.52
N THR A 175 -15.16 1.30 -35.28
CA THR A 175 -16.55 1.16 -35.71
C THR A 175 -17.30 0.08 -34.94
N LEU A 176 -16.67 -1.03 -34.60
CA LEU A 176 -17.40 -2.07 -33.90
C LEU A 176 -17.45 -1.79 -32.40
N GLY A 177 -16.43 -1.11 -31.88
CA GLY A 177 -16.33 -0.77 -30.49
C GLY A 177 -17.59 -0.15 -29.93
N PRO A 178 -17.92 1.06 -30.38
CA PRO A 178 -19.10 1.73 -29.83
C PRO A 178 -20.38 0.93 -29.98
N VAL A 179 -20.51 0.17 -31.07
CA VAL A 179 -21.76 -0.54 -31.31
C VAL A 179 -21.96 -1.63 -30.27
N LEU A 180 -20.92 -2.35 -29.91
CA LEU A 180 -21.09 -3.38 -28.89
C LEU A 180 -21.06 -2.79 -27.49
N GLU A 181 -20.32 -1.68 -27.31
CA GLU A 181 -20.19 -1.06 -26.00
C GLU A 181 -21.54 -0.79 -25.36
N SER A 182 -22.46 -0.22 -26.13
CA SER A 182 -23.79 0.13 -25.62
C SER A 182 -24.90 -0.72 -26.25
N HIS A 183 -24.56 -1.90 -26.75
CA HIS A 183 -25.54 -2.80 -27.32
C HIS A 183 -26.61 -3.17 -26.30
N GLU A 184 -27.84 -3.33 -26.79
CA GLU A 184 -29.02 -3.69 -26.01
C GLU A 184 -28.75 -4.72 -24.93
N ARG A 185 -27.94 -5.70 -25.23
CA ARG A 185 -27.77 -6.84 -24.35
C ARG A 185 -26.79 -6.58 -23.21
N PHE A 186 -26.32 -5.34 -23.07
CA PHE A 186 -25.48 -4.94 -21.94
C PHE A 186 -26.19 -3.82 -21.18
N PRO A 187 -26.98 -4.15 -20.15
CA PRO A 187 -27.73 -3.13 -19.41
C PRO A 187 -26.85 -2.01 -18.87
N GLU A 188 -25.58 -2.31 -18.64
CA GLU A 188 -24.67 -1.34 -18.04
C GLU A 188 -23.48 -1.08 -18.95
N ARG A 189 -23.67 -1.28 -20.25
CA ARG A 189 -22.62 -1.21 -21.25
C ARG A 189 -21.55 -2.26 -20.96
N ALA A 190 -20.46 -2.28 -21.73
CA ALA A 190 -19.41 -3.26 -21.53
C ALA A 190 -18.11 -2.80 -22.19
N ASN A 191 -16.99 -3.28 -21.65
CA ASN A 191 -15.70 -3.07 -22.31
C ASN A 191 -15.54 -4.10 -23.42
N ILE A 192 -15.17 -3.64 -24.60
CA ILE A 192 -15.10 -4.49 -25.79
C ILE A 192 -13.63 -4.78 -26.08
N GLY A 193 -13.25 -6.05 -26.04
CA GLY A 193 -11.87 -6.45 -26.24
C GLY A 193 -11.69 -7.11 -27.60
N PHE A 194 -10.59 -6.76 -28.26
CA PHE A 194 -10.23 -7.31 -29.56
C PHE A 194 -8.92 -8.09 -29.42
N MET A 195 -9.02 -9.42 -29.50
CA MET A 195 -7.95 -10.34 -29.10
C MET A 195 -7.43 -11.09 -30.32
N GLN A 196 -6.20 -10.76 -30.74
CA GLN A 196 -5.48 -11.53 -31.76
C GLN A 196 -4.65 -12.59 -31.05
N VAL A 197 -5.01 -13.85 -31.22
CA VAL A 197 -4.28 -14.96 -30.63
C VAL A 197 -3.03 -15.24 -31.48
N VAL A 198 -1.84 -15.03 -30.90
CA VAL A 198 -0.60 -15.31 -31.61
C VAL A 198 -0.16 -16.73 -31.28
N LYS A 199 0.03 -17.02 -30.00
CA LYS A 199 0.18 -18.41 -29.56
C LYS A 199 -0.72 -18.63 -28.35
N ARG A 200 -0.84 -19.90 -27.96
CA ARG A 200 -1.67 -20.26 -26.81
C ARG A 200 -1.27 -19.52 -25.52
N GLU A 201 -0.08 -18.91 -25.50
CA GLU A 201 0.43 -18.19 -24.34
C GLU A 201 0.89 -16.77 -24.72
N HIS A 202 0.37 -16.25 -25.82
CA HIS A 202 0.76 -14.91 -26.28
C HIS A 202 -0.41 -14.34 -27.07
N ILE A 203 -0.96 -13.22 -26.58
CA ILE A 203 -2.10 -12.54 -27.19
C ILE A 203 -1.69 -11.09 -27.47
N ARG A 204 -2.19 -10.56 -28.57
CA ARG A 204 -2.23 -9.11 -28.76
C ARG A 204 -3.67 -8.64 -28.55
N LEU A 205 -3.82 -7.45 -27.99
CA LEU A 205 -5.14 -7.04 -27.54
C LEU A 205 -5.29 -5.53 -27.62
N ARG A 206 -6.44 -5.09 -28.09
CA ARG A 206 -6.85 -3.70 -28.02
C ARG A 206 -8.25 -3.66 -27.41
N VAL A 207 -8.50 -2.69 -26.53
CA VAL A 207 -9.73 -2.66 -25.75
C VAL A 207 -10.43 -1.32 -25.93
N TYR A 208 -11.71 -1.36 -26.27
CA TYR A 208 -12.56 -0.18 -26.33
C TYR A 208 -13.34 -0.12 -25.02
N GLU A 209 -12.86 0.69 -24.07
CA GLU A 209 -13.37 0.66 -22.72
C GLU A 209 -14.79 1.22 -22.63
N ARG A 210 -15.48 0.84 -21.56
CA ARG A 210 -16.82 1.35 -21.24
C ARG A 210 -16.81 2.87 -21.10
N GLY A 211 -17.47 3.57 -22.02
CA GLY A 211 -17.59 5.01 -21.94
C GLY A 211 -16.29 5.77 -21.99
N ALA A 212 -15.21 5.14 -22.45
CA ALA A 212 -13.92 5.79 -22.53
C ALA A 212 -13.17 5.54 -23.84
N GLY A 213 -13.55 4.52 -24.61
CA GLY A 213 -12.88 4.21 -25.86
C GLY A 213 -11.50 3.60 -25.70
N GLU A 214 -10.58 4.02 -26.55
CA GLU A 214 -9.24 3.47 -26.59
C GLU A 214 -8.42 4.08 -25.45
N THR A 215 -7.88 3.22 -24.59
CA THR A 215 -6.84 3.59 -23.64
C THR A 215 -5.64 2.69 -23.90
N GLN A 216 -4.45 3.17 -23.53
CA GLN A 216 -3.25 2.39 -23.78
C GLN A 216 -3.18 1.15 -22.89
N ALA A 217 -3.75 1.21 -21.70
CA ALA A 217 -3.69 0.07 -20.77
C ALA A 217 -4.98 -0.02 -19.97
N CYS A 218 -5.67 -1.15 -20.11
CA CYS A 218 -6.81 -1.53 -19.29
C CYS A 218 -6.51 -2.93 -18.77
N GLY A 219 -6.00 -3.01 -17.53
CA GLY A 219 -5.59 -4.30 -16.99
C GLY A 219 -6.74 -5.28 -16.85
N SER A 220 -7.91 -4.79 -16.45
CA SER A 220 -9.07 -5.68 -16.33
C SER A 220 -9.51 -6.24 -17.69
N GLY A 221 -9.25 -5.50 -18.78
CA GLY A 221 -9.53 -6.03 -20.10
C GLY A 221 -8.57 -7.14 -20.51
N ALA A 222 -7.30 -7.02 -20.14
CA ALA A 222 -6.37 -8.11 -20.37
C ALA A 222 -6.80 -9.35 -19.59
N CYS A 223 -7.13 -9.15 -18.30
CA CYS A 223 -7.66 -10.25 -17.50
C CYS A 223 -8.87 -10.90 -18.16
N ALA A 224 -9.73 -10.08 -18.75
CA ALA A 224 -10.98 -10.59 -19.29
C ALA A 224 -10.73 -11.39 -20.56
N ALA A 225 -9.95 -10.81 -21.49
CA ALA A 225 -9.62 -11.52 -22.72
C ALA A 225 -8.99 -12.86 -22.41
N VAL A 226 -7.99 -12.88 -21.54
CA VAL A 226 -7.37 -14.16 -21.20
C VAL A 226 -8.39 -15.10 -20.57
N ALA A 227 -9.27 -14.57 -19.72
CA ALA A 227 -10.19 -15.45 -19.02
C ALA A 227 -11.14 -16.14 -20.01
N VAL A 228 -11.63 -15.42 -21.01
CA VAL A 228 -12.53 -16.07 -21.94
C VAL A 228 -11.76 -16.97 -22.90
N GLY A 229 -10.57 -16.54 -23.34
CA GLY A 229 -9.75 -17.39 -24.17
C GLY A 229 -9.46 -18.73 -23.51
N ILE A 230 -9.28 -18.71 -22.20
CA ILE A 230 -9.06 -19.95 -21.47
C ILE A 230 -10.35 -20.74 -21.35
N GLN A 231 -11.42 -20.09 -20.90
CA GLN A 231 -12.71 -20.74 -20.78
C GLN A 231 -13.14 -21.38 -22.10
N GLN A 232 -12.77 -20.75 -23.21
CA GLN A 232 -13.08 -21.27 -24.54
C GLN A 232 -12.12 -22.36 -25.02
N GLY A 233 -11.12 -22.73 -24.22
CA GLY A 233 -10.18 -23.77 -24.60
C GLY A 233 -9.11 -23.35 -25.58
N LEU A 234 -8.81 -22.06 -25.65
CA LEU A 234 -7.87 -21.52 -26.64
C LEU A 234 -6.52 -21.13 -26.06
N LEU A 235 -6.37 -21.05 -24.75
CA LEU A 235 -5.17 -20.45 -24.17
C LEU A 235 -4.61 -21.30 -23.05
N ALA A 236 -3.28 -21.26 -22.90
CA ALA A 236 -2.64 -21.87 -21.75
C ALA A 236 -2.96 -21.07 -20.49
N GLU A 237 -2.73 -21.68 -19.33
CA GLU A 237 -3.04 -21.01 -18.07
C GLU A 237 -2.04 -19.90 -17.70
N GLU A 238 -1.22 -19.45 -18.66
CA GLU A 238 -0.22 -18.42 -18.40
C GLU A 238 0.01 -17.69 -19.72
N VAL A 239 -0.53 -16.49 -19.85
CA VAL A 239 -0.57 -15.80 -21.12
C VAL A 239 0.11 -14.44 -21.01
N ARG A 240 1.03 -14.18 -21.92
CA ARG A 240 1.51 -12.83 -22.14
C ARG A 240 0.50 -12.05 -22.96
N VAL A 241 0.24 -10.81 -22.56
CA VAL A 241 -0.75 -9.95 -23.19
C VAL A 241 -0.04 -8.67 -23.63
N GLU A 242 -0.12 -8.38 -24.93
CA GLU A 242 0.51 -7.19 -25.49
C GLU A 242 -0.57 -6.17 -25.82
N LEU A 243 -0.53 -5.05 -25.12
CA LEU A 243 -1.40 -3.92 -25.30
C LEU A 243 -0.62 -2.72 -25.81
N PRO A 244 -1.30 -1.75 -26.41
CA PRO A 244 -0.64 -0.49 -26.78
C PRO A 244 0.26 0.08 -25.70
N GLY A 245 -0.14 -0.07 -24.44
CA GLY A 245 0.63 0.50 -23.35
C GLY A 245 1.79 -0.33 -22.83
N GLY A 246 1.98 -1.54 -23.33
CA GLY A 246 2.99 -2.43 -22.77
C GLY A 246 2.50 -3.85 -22.60
N ARG A 247 3.10 -4.59 -21.67
CA ARG A 247 2.88 -6.03 -21.56
C ARG A 247 2.41 -6.40 -20.17
N LEU A 248 1.35 -7.19 -20.10
CA LEU A 248 0.90 -7.79 -18.86
C LEU A 248 1.03 -9.30 -18.98
N ASP A 249 1.09 -9.99 -17.84
CA ASP A 249 1.11 -11.44 -17.83
C ASP A 249 -0.03 -11.94 -16.95
N ILE A 250 -0.97 -12.63 -17.54
CA ILE A 250 -2.11 -13.17 -16.83
C ILE A 250 -1.85 -14.64 -16.51
N ALA A 251 -2.40 -15.10 -15.38
CA ALA A 251 -2.29 -16.49 -14.99
C ALA A 251 -3.60 -16.89 -14.32
N TRP A 252 -4.07 -18.09 -14.62
CA TRP A 252 -5.35 -18.54 -14.08
C TRP A 252 -5.55 -20.04 -14.33
N LYS A 253 -5.81 -20.79 -13.26
CA LYS A 253 -6.04 -22.23 -13.38
C LYS A 253 -7.48 -22.58 -13.70
N GLY A 254 -8.32 -21.60 -14.01
CA GLY A 254 -9.68 -21.86 -14.39
C GLY A 254 -10.65 -21.84 -13.22
N PRO A 255 -11.92 -22.13 -13.51
CA PRO A 255 -12.98 -21.90 -12.52
C PRO A 255 -12.67 -22.55 -11.17
N GLY A 256 -13.14 -21.90 -10.10
CA GLY A 256 -12.74 -22.23 -8.76
C GLY A 256 -11.44 -21.59 -8.30
N HIS A 257 -10.62 -21.08 -9.24
CA HIS A 257 -9.34 -20.45 -8.94
C HIS A 257 -9.39 -18.93 -9.19
N PRO A 258 -8.57 -18.15 -8.48
CA PRO A 258 -8.51 -16.71 -8.77
C PRO A 258 -7.56 -16.42 -9.91
N LEU A 259 -7.79 -15.29 -10.58
CA LEU A 259 -6.96 -14.87 -11.71
C LEU A 259 -5.91 -13.87 -11.23
N TYR A 260 -4.67 -14.06 -11.67
CA TYR A 260 -3.54 -13.23 -11.28
C TYR A 260 -3.09 -12.40 -12.46
N MET A 261 -2.91 -11.10 -12.24
CA MET A 261 -2.33 -10.24 -13.25
C MET A 261 -0.98 -9.74 -12.78
N THR A 262 0.00 -9.79 -13.66
CA THR A 262 1.36 -9.39 -13.32
C THR A 262 1.81 -8.33 -14.31
N GLY A 263 2.49 -7.32 -13.79
CA GLY A 263 2.84 -6.22 -14.62
C GLY A 263 4.02 -5.49 -14.05
N PRO A 264 4.65 -4.67 -14.88
CA PRO A 264 5.84 -3.93 -14.46
C PRO A 264 5.47 -2.55 -13.94
N ALA A 265 6.42 -1.95 -13.24
CA ALA A 265 6.36 -0.56 -12.85
C ALA A 265 7.76 0.02 -13.01
N VAL A 266 7.88 1.11 -13.74
CA VAL A 266 9.17 1.68 -14.04
C VAL A 266 9.45 2.80 -13.07
N HIS A 267 10.65 2.80 -12.49
CA HIS A 267 11.11 3.93 -11.71
C HIS A 267 11.75 4.92 -12.66
N VAL A 268 11.16 6.10 -12.78
CA VAL A 268 11.60 7.09 -13.76
C VAL A 268 12.57 8.08 -13.15
N TYR A 269 12.22 8.70 -12.02
CA TYR A 269 13.16 9.66 -11.45
C TYR A 269 12.87 9.85 -9.97
N ASP A 270 13.84 10.44 -9.27
CA ASP A 270 13.65 11.01 -7.95
C ASP A 270 13.72 12.52 -8.09
N GLY A 271 13.17 13.22 -7.09
CA GLY A 271 13.12 14.67 -7.14
C GLY A 271 12.82 15.25 -5.79
N PHE A 272 13.09 16.54 -5.66
CA PHE A 272 12.81 17.31 -4.46
C PHE A 272 11.94 18.48 -4.84
N ILE A 273 11.04 18.87 -3.94
CA ILE A 273 10.34 20.13 -4.14
C ILE A 273 10.05 20.75 -2.78
N HIS A 274 10.37 22.04 -2.64
CA HIS A 274 10.06 22.77 -1.43
C HIS A 274 8.60 23.20 -1.50
N LEU A 275 7.92 23.13 -0.36
CA LEU A 275 6.54 23.57 -0.29
C LEU A 275 6.41 24.88 0.52
N SER B 1 14.40 17.15 39.11
CA SER B 1 15.66 17.87 39.01
C SER B 1 16.59 17.20 37.98
N MET B 2 16.05 16.19 37.28
CA MET B 2 16.67 15.73 36.04
C MET B 2 16.37 16.69 34.88
N ILE B 3 15.30 17.49 35.01
CA ILE B 3 14.87 18.43 33.98
C ILE B 3 16.02 19.34 33.61
N ASP B 4 16.32 19.45 32.31
CA ASP B 4 17.38 20.31 31.83
CA ASP B 4 17.42 20.31 31.91
C ASP B 4 17.01 21.78 32.06
N ASP B 5 17.93 22.68 31.71
CA ASP B 5 17.65 24.11 31.85
C ASP B 5 16.46 24.52 30.98
N ASP B 6 16.28 23.85 29.84
CA ASP B 6 15.21 24.16 28.90
C ASP B 6 13.85 23.65 29.35
N GLY B 7 13.77 22.78 30.36
CA GLY B 7 12.52 22.19 30.79
C GLY B 7 12.20 20.84 30.19
N TYR B 8 13.18 20.17 29.56
CA TYR B 8 13.03 18.84 28.98
C TYR B 8 13.49 17.77 29.99
N ARG B 9 12.62 16.82 30.27
CA ARG B 9 12.98 15.67 31.09
C ARG B 9 13.65 14.60 30.22
N PRO B 10 14.83 14.12 30.59
CA PRO B 10 15.46 13.02 29.83
C PRO B 10 14.68 11.72 29.97
N ASN B 11 14.47 11.04 28.83
CA ASN B 11 13.63 9.86 28.75
C ASN B 11 14.29 8.86 27.82
N VAL B 12 13.92 7.58 28.00
CA VAL B 12 14.25 6.54 27.04
C VAL B 12 12.97 6.00 26.46
N GLY B 13 13.00 5.64 25.19
CA GLY B 13 11.90 4.94 24.56
C GLY B 13 12.39 3.66 23.95
N ILE B 14 11.48 2.68 23.84
CA ILE B 14 11.87 1.33 23.49
C ILE B 14 11.02 0.81 22.34
N VAL B 15 11.66 0.37 21.27
CA VAL B 15 10.99 -0.26 20.15
C VAL B 15 11.41 -1.72 20.15
N ILE B 16 10.49 -2.60 20.52
CA ILE B 16 10.75 -4.04 20.58
C ILE B 16 10.22 -4.70 19.32
N CYS B 17 11.07 -5.39 18.59
CA CYS B 17 10.61 -6.05 17.39
C CYS B 17 10.74 -7.57 17.55
N ASN B 18 9.93 -8.30 16.79
CA ASN B 18 10.07 -9.76 16.77
C ASN B 18 10.78 -10.17 15.48
N ARG B 19 10.81 -11.45 15.19
CA ARG B 19 11.57 -11.87 14.03
C ARG B 19 10.87 -11.47 12.73
N GLN B 20 9.54 -11.50 12.74
CA GLN B 20 8.76 -11.15 11.57
C GLN B 20 8.68 -9.64 11.26
N GLY B 21 9.39 -8.81 12.02
CA GLY B 21 9.35 -7.39 11.77
C GLY B 21 8.15 -6.66 12.32
N GLN B 22 7.39 -7.27 13.22
CA GLN B 22 6.39 -6.52 13.97
C GLN B 22 7.05 -5.81 15.14
N VAL B 23 6.34 -4.85 15.71
CA VAL B 23 6.84 -4.11 16.86
C VAL B 23 5.77 -4.18 17.94
N MET B 24 6.25 -4.07 19.19
CA MET B 24 5.38 -4.18 20.34
C MET B 24 4.68 -2.85 20.61
N TRP B 25 3.37 -2.92 20.78
CA TRP B 25 2.51 -1.76 20.98
C TRP B 25 1.81 -1.92 22.32
N ALA B 26 1.96 -0.95 23.21
CA ALA B 26 1.54 -1.12 24.59
C ALA B 26 0.40 -0.18 24.92
N ARG B 27 -0.59 -0.69 25.66
CA ARG B 27 -1.72 0.16 26.06
C ARG B 27 -1.44 0.80 27.41
N ARG B 28 -1.67 2.10 27.49
CA ARG B 28 -1.46 2.84 28.72
C ARG B 28 -2.57 2.50 29.72
N PHE B 29 -2.19 2.35 30.99
CA PHE B 29 -3.10 1.83 32.00
C PHE B 29 -4.34 2.70 32.13
N GLY B 30 -5.50 2.06 32.15
CA GLY B 30 -6.73 2.77 32.39
C GLY B 30 -7.09 3.75 31.29
N GLN B 31 -6.64 3.46 30.07
CA GLN B 31 -6.92 4.31 28.93
C GLN B 31 -7.00 3.42 27.71
N HIS B 32 -7.20 4.05 26.56
CA HIS B 32 -6.99 3.38 25.28
C HIS B 32 -6.13 4.25 24.37
N SER B 33 -5.15 4.95 24.95
CA SER B 33 -4.03 5.47 24.16
C SER B 33 -2.91 4.44 24.18
N TRP B 34 -2.35 4.17 23.00
CA TRP B 34 -1.26 3.22 22.85
C TRP B 34 0.01 3.95 22.46
N GLN B 35 1.14 3.28 22.67
CA GLN B 35 2.43 3.94 22.53
C GLN B 35 3.53 2.88 22.73
N PHE B 36 4.73 3.27 22.42
CA PHE B 36 5.86 2.44 22.81
C PHE B 36 6.19 2.71 24.27
N PRO B 37 6.73 1.73 24.99
CA PRO B 37 7.21 1.98 26.36
C PRO B 37 8.20 3.13 26.38
N GLN B 38 8.01 4.06 27.32
CA GLN B 38 9.03 5.08 27.54
C GLN B 38 9.03 5.45 29.01
N GLY B 39 10.15 5.99 29.48
CA GLY B 39 10.34 6.21 30.89
C GLY B 39 11.46 7.19 31.20
N GLY B 40 11.40 7.75 32.40
CA GLY B 40 12.39 8.72 32.81
C GLY B 40 13.73 8.07 33.13
N ILE B 41 14.80 8.84 32.88
CA ILE B 41 16.13 8.50 33.39
C ILE B 41 16.19 8.89 34.85
N ASN B 42 16.72 8.04 35.67
CA ASN B 42 16.81 8.48 37.05
C ASN B 42 18.15 9.14 37.32
N PRO B 43 18.26 9.90 38.41
CA PRO B 43 19.57 10.44 38.81
C PRO B 43 20.58 9.32 38.95
N GLY B 44 21.66 9.43 38.19
CA GLY B 44 22.74 8.49 38.30
C GLY B 44 22.74 7.35 37.32
N GLU B 45 21.69 7.17 36.51
CA GLU B 45 21.76 6.08 35.55
C GLU B 45 22.08 6.59 34.14
N SER B 46 22.69 5.71 33.37
CA SER B 46 22.84 5.94 31.95
C SER B 46 21.51 5.67 31.23
N ALA B 47 21.48 6.06 29.96
CA ALA B 47 20.36 5.73 29.10
C ALA B 47 20.06 4.24 29.11
N GLU B 48 21.08 3.43 28.81
CA GLU B 48 20.89 1.99 28.73
C GLU B 48 20.33 1.41 30.01
N GLN B 49 20.86 1.85 31.17
CA GLN B 49 20.33 1.36 32.44
C GLN B 49 18.87 1.71 32.60
N ALA B 50 18.52 2.96 32.35
CA ALA B 50 17.12 3.34 32.47
C ALA B 50 16.26 2.48 31.57
N MET B 51 16.74 2.22 30.35
CA MET B 51 16.01 1.38 29.41
C MET B 51 15.82 -0.04 29.95
N TYR B 52 16.85 -0.62 30.54
CA TYR B 52 16.68 -2.00 30.99
C TYR B 52 15.74 -2.04 32.18
N ARG B 53 15.82 -1.03 33.04
CA ARG B 53 14.92 -0.96 34.18
C ARG B 53 13.47 -0.77 33.73
N GLU B 54 13.21 0.22 32.86
CA GLU B 54 11.86 0.39 32.32
C GLU B 54 11.37 -0.87 31.65
N LEU B 55 12.25 -1.50 30.87
CA LEU B 55 11.89 -2.71 30.15
C LEU B 55 11.43 -3.81 31.10
N PHE B 56 12.18 -4.02 32.19
CA PHE B 56 11.78 -5.06 33.12
C PHE B 56 10.53 -4.65 33.89
N GLU B 57 10.49 -3.43 34.41
CA GLU B 57 9.39 -3.06 35.30
C GLU B 57 8.07 -2.91 34.56
N GLU B 58 8.07 -2.48 33.30
CA GLU B 58 6.81 -2.26 32.58
C GLU B 58 6.47 -3.39 31.62
N VAL B 59 7.46 -4.07 31.05
CA VAL B 59 7.18 -5.13 30.09
C VAL B 59 7.51 -6.49 30.64
N GLY B 60 8.29 -6.57 31.71
CA GLY B 60 8.63 -7.86 32.26
C GLY B 60 9.77 -8.58 31.58
N LEU B 61 10.56 -7.89 30.75
CA LEU B 61 11.62 -8.55 30.00
C LEU B 61 12.97 -8.25 30.63
N SER B 62 13.80 -9.29 30.73
CA SER B 62 15.12 -9.19 31.33
C SER B 62 16.17 -8.92 30.25
N ARG B 63 17.40 -8.69 30.71
CA ARG B 63 18.49 -8.36 29.78
C ARG B 63 18.70 -9.46 28.75
N LYS B 64 18.39 -10.70 29.13
CA LYS B 64 18.62 -11.85 28.27
C LYS B 64 17.40 -12.21 27.47
N ASP B 65 16.29 -11.54 27.70
CA ASP B 65 15.12 -11.71 26.84
C ASP B 65 15.25 -10.98 25.50
N VAL B 66 16.19 -10.04 25.39
CA VAL B 66 16.30 -9.15 24.23
C VAL B 66 17.77 -9.01 23.83
N ARG B 67 18.00 -8.42 22.64
CA ARG B 67 19.28 -7.80 22.35
C ARG B 67 19.08 -6.43 21.72
N ILE B 68 20.03 -5.54 22.00
CA ILE B 68 20.02 -4.20 21.45
C ILE B 68 20.48 -4.26 20.00
N LEU B 69 19.63 -3.85 19.07
CA LEU B 69 20.02 -3.79 17.67
C LEU B 69 20.58 -2.44 17.28
N ALA B 70 20.10 -1.38 17.90
CA ALA B 70 20.44 -0.04 17.48
C ALA B 70 19.94 0.90 18.55
N SER B 71 20.47 2.10 18.52
CA SER B 71 19.99 3.15 19.40
C SER B 71 20.15 4.44 18.62
N THR B 72 19.36 5.44 18.97
CA THR B 72 19.42 6.74 18.30
C THR B 72 20.70 7.47 18.64
N ARG B 73 21.30 8.12 17.65
CA ARG B 73 22.53 8.87 17.84
C ARG B 73 22.35 9.99 18.85
N ASN B 74 21.58 11.00 18.45
CA ASN B 74 21.32 12.15 19.32
C ASN B 74 19.94 12.07 19.95
N TRP B 75 19.66 13.02 20.85
CA TRP B 75 18.38 13.06 21.52
C TRP B 75 17.30 13.62 20.61
N LEU B 76 16.09 13.12 20.80
CA LEU B 76 14.91 13.59 20.10
C LEU B 76 14.04 14.28 21.12
N ARG B 77 13.59 15.49 20.80
CA ARG B 77 12.75 16.24 21.71
C ARG B 77 11.34 16.37 21.18
N TYR B 78 10.39 16.41 22.09
CA TYR B 78 9.03 16.81 21.74
C TYR B 78 8.55 17.73 22.85
N LYS B 79 7.75 18.72 22.48
CA LYS B 79 7.16 19.65 23.43
C LYS B 79 5.78 19.15 23.81
N LEU B 80 5.46 19.21 25.09
CA LEU B 80 4.12 18.86 25.46
C LEU B 80 3.17 19.95 24.96
N PRO B 81 1.97 19.60 24.53
CA PRO B 81 1.04 20.64 24.10
C PRO B 81 0.72 21.51 25.31
N LYS B 82 0.66 22.83 25.07
CA LYS B 82 0.66 23.81 26.15
C LYS B 82 -0.32 23.43 27.25
N ARG B 83 -1.48 22.86 26.88
CA ARG B 83 -2.51 22.49 27.85
C ARG B 83 -2.06 21.41 28.83
N LEU B 84 -0.98 20.69 28.53
CA LEU B 84 -0.56 19.55 29.34
C LEU B 84 0.53 19.90 30.33
N VAL B 85 1.08 21.11 30.26
CA VAL B 85 2.18 21.50 31.14
C VAL B 85 1.62 21.82 32.53
N ARG B 86 2.19 21.19 33.55
CA ARG B 86 1.89 21.55 34.93
C ARG B 86 2.76 22.75 35.27
N TRP B 87 2.18 23.95 35.20
CA TRP B 87 2.97 25.17 35.37
C TRP B 87 3.31 25.43 36.83
N ASP B 88 2.44 25.00 37.75
CA ASP B 88 2.65 25.30 39.16
C ASP B 88 3.73 24.45 39.81
N THR B 89 4.19 23.38 39.16
CA THR B 89 5.18 22.47 39.72
C THR B 89 6.57 22.85 39.21
N LYS B 90 7.37 23.45 40.08
CA LYS B 90 8.74 23.88 39.79
C LYS B 90 9.72 22.73 40.03
N PRO B 91 10.78 22.57 39.19
CA PRO B 91 10.93 23.28 37.92
C PRO B 91 9.94 22.71 36.92
N VAL B 92 9.54 23.51 35.94
CA VAL B 92 8.47 23.09 35.05
C VAL B 92 9.04 22.22 33.94
N CYS B 93 8.31 21.16 33.60
CA CYS B 93 8.70 20.25 32.51
C CYS B 93 7.81 20.57 31.32
N ILE B 94 8.44 21.04 30.23
CA ILE B 94 7.68 21.46 29.06
C ILE B 94 7.83 20.48 27.90
N GLY B 95 8.48 19.35 28.14
CA GLY B 95 8.77 18.44 27.05
C GLY B 95 9.67 17.31 27.54
N GLN B 96 10.04 16.45 26.59
CA GLN B 96 10.91 15.33 26.87
C GLN B 96 12.01 15.29 25.83
N LYS B 97 13.19 14.87 26.24
CA LYS B 97 14.29 14.58 25.34
C LYS B 97 14.69 13.12 25.50
N GLN B 98 14.63 12.35 24.42
CA GLN B 98 14.60 10.91 24.50
C GLN B 98 15.75 10.29 23.75
N LYS B 99 16.32 9.22 24.31
CA LYS B 99 17.14 8.33 23.53
C LYS B 99 16.31 7.08 23.29
N TRP B 100 16.35 6.57 22.07
CA TRP B 100 15.51 5.46 21.68
C TRP B 100 16.36 4.24 21.41
N PHE B 101 15.85 3.08 21.83
CA PHE B 101 16.50 1.81 21.57
C PHE B 101 15.60 0.92 20.75
N LEU B 102 16.19 0.26 19.76
CA LEU B 102 15.57 -0.85 19.07
C LEU B 102 16.06 -2.14 19.71
N LEU B 103 15.13 -2.96 20.20
CA LEU B 103 15.44 -4.24 20.80
C LEU B 103 14.78 -5.33 19.98
N GLN B 104 15.48 -6.45 19.86
CA GLN B 104 14.87 -7.66 19.32
C GLN B 104 14.52 -8.57 20.48
N LEU B 105 13.27 -9.01 20.51
CA LEU B 105 12.86 -10.04 21.44
C LEU B 105 13.48 -11.37 21.01
N VAL B 106 14.38 -11.92 21.83
CA VAL B 106 15.05 -13.16 21.43
C VAL B 106 14.44 -14.39 22.08
N SER B 107 13.61 -14.22 23.10
CA SER B 107 12.88 -15.33 23.68
C SER B 107 11.39 -15.22 23.31
N GLY B 108 10.60 -16.15 23.84
CA GLY B 108 9.22 -16.28 23.40
C GLY B 108 8.29 -15.26 23.99
N ASP B 109 7.13 -15.11 23.35
CA ASP B 109 6.14 -14.11 23.76
C ASP B 109 5.69 -14.29 25.19
N ALA B 110 5.78 -15.51 25.74
CA ALA B 110 5.26 -15.72 27.08
C ALA B 110 6.12 -15.05 28.15
N GLU B 111 7.35 -14.64 27.80
CA GLU B 111 8.23 -13.90 28.71
C GLU B 111 7.77 -12.47 28.95
N ILE B 112 6.84 -11.96 28.15
CA ILE B 112 6.31 -10.63 28.39
C ILE B 112 5.35 -10.69 29.55
N ASN B 113 5.39 -9.71 30.43
CA ASN B 113 4.36 -9.64 31.46
C ASN B 113 4.24 -8.20 31.92
N MET B 114 3.08 -7.62 31.67
CA MET B 114 2.84 -6.24 32.02
C MET B 114 2.35 -6.06 33.44
N GLN B 115 2.47 -7.10 34.29
CA GLN B 115 2.13 -6.97 35.70
C GLN B 115 3.30 -7.34 36.60
N THR B 116 4.53 -7.18 36.13
CA THR B 116 5.63 -7.32 37.07
C THR B 116 5.61 -6.18 38.09
N SER B 117 5.14 -5.01 37.68
CA SER B 117 4.88 -3.90 38.60
C SER B 117 3.49 -4.04 39.22
N SER B 118 3.31 -3.42 40.37
CA SER B 118 1.98 -3.23 40.94
C SER B 118 1.47 -1.81 40.74
N THR B 119 2.31 -0.91 40.22
CA THR B 119 1.96 0.42 39.74
C THR B 119 2.15 0.47 38.23
N PRO B 120 1.57 -0.46 37.47
CA PRO B 120 1.98 -0.61 36.07
C PRO B 120 1.44 0.54 35.22
N GLU B 121 2.29 1.05 34.33
CA GLU B 121 1.80 2.07 33.42
C GLU B 121 1.19 1.51 32.15
N PHE B 122 1.36 0.22 31.88
CA PHE B 122 0.77 -0.42 30.72
C PHE B 122 0.01 -1.66 31.15
N ASP B 123 -1.20 -1.83 30.60
CA ASP B 123 -2.06 -2.95 30.97
C ASP B 123 -2.38 -3.84 29.79
N GLY B 124 -1.57 -3.79 28.74
CA GLY B 124 -1.81 -4.64 27.60
C GLY B 124 -0.84 -4.37 26.47
N TRP B 125 -0.72 -5.31 25.54
CA TRP B 125 0.21 -5.15 24.44
C TRP B 125 -0.28 -5.98 23.27
N ARG B 126 0.23 -5.65 22.09
CA ARG B 126 0.04 -6.47 20.91
C ARG B 126 1.16 -6.19 19.92
N TRP B 127 1.28 -7.09 18.95
CA TRP B 127 2.22 -6.89 17.85
C TRP B 127 1.48 -6.11 16.75
N VAL B 128 2.13 -5.08 16.22
CA VAL B 128 1.57 -4.32 15.11
C VAL B 128 2.60 -4.26 13.99
N SER B 129 2.11 -3.94 12.78
CA SER B 129 3.04 -3.78 11.69
C SER B 129 3.93 -2.58 11.97
N TYR B 130 5.11 -2.59 11.33
CA TYR B 130 6.18 -1.69 11.72
C TYR B 130 5.74 -0.22 11.65
N TRP B 131 5.00 0.18 10.61
CA TRP B 131 4.74 1.61 10.48
C TRP B 131 3.45 2.03 11.16
N TYR B 132 2.67 1.08 11.66
CA TYR B 132 1.39 1.45 12.26
C TYR B 132 1.54 2.45 13.39
N PRO B 133 2.57 2.38 14.26
CA PRO B 133 2.73 3.44 15.28
C PRO B 133 2.80 4.86 14.76
N VAL B 134 3.40 5.08 13.60
CA VAL B 134 3.57 6.45 13.13
C VAL B 134 2.21 7.13 12.96
N ARG B 135 1.22 6.38 12.50
CA ARG B 135 -0.13 6.90 12.44
C ARG B 135 -0.79 6.94 13.83
N GLN B 136 -0.66 5.88 14.62
CA GLN B 136 -1.59 5.76 15.75
C GLN B 136 -1.15 6.50 16.98
N VAL B 137 0.13 6.87 17.06
CA VAL B 137 0.64 7.57 18.22
C VAL B 137 -0.01 8.93 18.32
N VAL B 138 -0.05 9.45 19.56
CA VAL B 138 -0.63 10.75 19.84
C VAL B 138 0.12 11.84 19.07
N SER B 139 -0.63 12.88 18.67
CA SER B 139 -0.11 13.79 17.66
C SER B 139 1.20 14.44 18.10
N PHE B 140 1.31 14.86 19.36
CA PHE B 140 2.52 15.58 19.75
C PHE B 140 3.77 14.68 19.83
N LYS B 141 3.63 13.36 19.71
CA LYS B 141 4.79 12.46 19.63
C LYS B 141 5.11 12.03 18.20
N ARG B 142 4.29 12.42 17.21
CA ARG B 142 4.37 11.77 15.90
C ARG B 142 5.68 12.08 15.20
N ASP B 143 6.07 13.35 15.20
CA ASP B 143 7.35 13.74 14.65
C ASP B 143 8.48 12.87 15.21
N VAL B 144 8.56 12.74 16.53
CA VAL B 144 9.63 11.90 17.08
C VAL B 144 9.49 10.49 16.55
N TYR B 145 8.25 9.97 16.54
CA TYR B 145 8.06 8.58 16.12
C TYR B 145 8.47 8.40 14.67
N ARG B 146 8.10 9.36 13.82
CA ARG B 146 8.49 9.26 12.42
C ARG B 146 10.01 9.14 12.31
N ARG B 147 10.71 10.03 13.00
CA ARG B 147 12.17 10.03 12.90
C ARG B 147 12.72 8.73 13.45
N VAL B 148 12.15 8.26 14.56
CA VAL B 148 12.68 7.03 15.14
C VAL B 148 12.40 5.87 14.23
N MET B 149 11.17 5.78 13.72
CA MET B 149 10.92 4.60 12.90
C MET B 149 11.71 4.69 11.60
N LYS B 150 11.98 5.92 11.14
CA LYS B 150 12.81 6.04 9.95
C LYS B 150 14.20 5.50 10.24
N GLU B 151 14.79 5.97 11.35
CA GLU B 151 16.16 5.54 11.64
C GLU B 151 16.23 4.04 11.80
N PHE B 152 15.17 3.40 12.34
CA PHE B 152 15.38 2.00 12.65
C PHE B 152 15.03 1.09 11.49
N ALA B 153 14.40 1.63 10.45
CA ALA B 153 13.85 0.74 9.42
C ALA B 153 14.94 -0.14 8.82
N SER B 154 16.09 0.45 8.45
CA SER B 154 17.10 -0.37 7.79
C SER B 154 17.46 -1.57 8.65
N VAL B 155 17.71 -1.34 9.94
CA VAL B 155 18.05 -2.47 10.81
C VAL B 155 16.94 -3.51 10.78
N VAL B 156 15.69 -3.08 10.98
CA VAL B 156 14.62 -4.07 11.03
C VAL B 156 14.44 -4.73 9.68
N MET B 157 14.56 -3.94 8.59
CA MET B 157 14.35 -4.54 7.28
C MET B 157 15.42 -5.58 6.99
N SER B 158 16.58 -5.48 7.61
CA SER B 158 17.61 -6.46 7.34
C SER B 158 17.46 -7.68 8.24
N LEU B 159 16.22 -7.98 8.64
CA LEU B 159 15.92 -9.24 9.32
C LEU B 159 15.14 -10.11 8.33
N GLN B 160 15.86 -11.03 7.69
CA GLN B 160 15.29 -11.95 6.71
C GLN B 160 14.08 -12.71 7.26
CL CL C . 0.72 0.78 -11.44
C1 GOL D . 16.09 2.26 5.52
O1 GOL D . 14.95 1.42 5.36
C2 GOL D . 15.85 3.76 5.29
O2 GOL D . 14.48 4.12 5.28
C3 GOL D . 16.63 4.55 6.35
O3 GOL D . 16.69 5.92 6.03
CL CL E . 0.26 10.02 9.15
#